data_1VIY
#
_entry.id   1VIY
#
_cell.length_a   57.394
_cell.length_b   85.021
_cell.length_c   68.443
_cell.angle_alpha   90.00
_cell.angle_beta   93.56
_cell.angle_gamma   90.00
#
_symmetry.space_group_name_H-M   'P 1 21 1'
#
loop_
_entity.id
_entity.type
_entity.pdbx_description
1 polymer 'Dephospho-CoA kinase'
2 non-polymer 'SULFATE ION'
3 water water
#
_entity_poly.entity_id   1
_entity_poly.type   'polypeptide(L)'
_entity_poly.pdbx_seq_one_letter_code
;MSLRYIVALTGGIGSGKSTVANAFADLGINVIDADIIARQVVEPGAPALHAIADHFGANMIAADGTLQRRALRERIFANP
EEKNWLNALLHPLIQQETQHQIQQATSPYVLWVVPLLVENSLYKKANRVLVVDVSPETQLKRTMQRDDVTREHVEQILAA
QATREARLAVADDVIDNNGAPDAIASDVARLHAHYLQLASQFVSQEKPEGGSHHHHHH
;
_entity_poly.pdbx_strand_id   A,B,C
#
loop_
_chem_comp.id
_chem_comp.type
_chem_comp.name
_chem_comp.formula
SO4 non-polymer 'SULFATE ION' 'O4 S -2'
#
# COMPACT_ATOMS: atom_id res chain seq x y z
N SER A 2 19.47 19.13 11.10
CA SER A 2 18.67 18.32 12.07
C SER A 2 17.53 17.54 11.36
N LEU A 3 16.52 17.11 12.13
CA LEU A 3 15.33 16.49 11.56
C LEU A 3 14.29 17.56 11.21
N ARG A 4 13.82 17.54 9.97
CA ARG A 4 12.92 18.56 9.45
C ARG A 4 11.48 18.01 9.31
N TYR A 5 10.47 18.84 9.57
CA TYR A 5 9.07 18.40 9.48
C TYR A 5 8.65 18.31 8.01
N ILE A 6 7.94 17.26 7.61
CA ILE A 6 7.55 17.07 6.22
C ILE A 6 6.02 17.14 6.05
N VAL A 7 5.56 18.17 5.37
CA VAL A 7 4.16 18.26 4.92
C VAL A 7 4.10 17.83 3.43
N ALA A 8 3.45 16.71 3.14
CA ALA A 8 3.18 16.33 1.74
C ALA A 8 1.99 17.09 1.12
N LEU A 9 2.14 17.57 -0.11
CA LEU A 9 1.00 18.13 -0.84
C LEU A 9 0.67 17.22 -2.04
N THR A 10 -0.61 16.93 -2.25
CA THR A 10 -1.02 16.18 -3.46
C THR A 10 -2.39 16.68 -3.90
N GLY A 11 -2.80 16.28 -5.10
CA GLY A 11 -4.07 16.72 -5.67
C GLY A 11 -4.09 16.06 -7.05
N GLY A 12 -5.27 15.89 -7.64
CA GLY A 12 -5.36 15.27 -8.96
C GLY A 12 -4.95 16.23 -10.08
N ILE A 13 -5.00 15.78 -11.33
CA ILE A 13 -4.71 16.70 -12.43
C ILE A 13 -5.66 17.92 -12.41
N GLY A 14 -5.17 19.13 -12.70
CA GLY A 14 -6.06 20.29 -12.72
C GLY A 14 -6.46 20.85 -11.36
N SER A 15 -5.83 20.38 -10.27
CA SER A 15 -6.16 20.87 -8.92
C SER A 15 -5.36 22.12 -8.57
N GLY A 16 -4.34 22.45 -9.37
CA GLY A 16 -3.55 23.65 -9.14
C GLY A 16 -2.56 23.44 -7.99
N LYS A 17 -1.88 22.29 -7.98
CA LYS A 17 -0.82 22.02 -6.99
C LYS A 17 0.27 23.10 -6.96
N SER A 18 0.70 23.55 -8.14
CA SER A 18 1.79 24.51 -8.16
C SER A 18 1.35 25.87 -7.63
N THR A 19 0.06 26.21 -7.74
CA THR A 19 -0.45 27.45 -7.17
C THR A 19 -0.37 27.40 -5.61
N VAL A 20 -0.73 26.25 -5.05
CA VAL A 20 -0.60 26.08 -3.61
C VAL A 20 0.86 26.11 -3.18
N ALA A 21 1.70 25.33 -3.87
CA ALA A 21 3.13 25.22 -3.53
C ALA A 21 3.74 26.64 -3.57
N ASN A 22 3.42 27.40 -4.61
CA ASN A 22 3.87 28.78 -4.68
C ASN A 22 3.48 29.66 -3.50
N ALA A 23 2.24 29.52 -3.02
CA ALA A 23 1.77 30.26 -1.82
C ALA A 23 2.64 29.93 -0.58
N PHE A 24 3.02 28.67 -0.41
CA PHE A 24 3.87 28.33 0.75
C PHE A 24 5.30 28.85 0.55
N ALA A 25 5.81 28.76 -0.68
CA ALA A 25 7.14 29.31 -0.99
C ALA A 25 7.23 30.80 -0.65
N ASP A 26 6.16 31.53 -0.98
CA ASP A 26 6.04 32.96 -0.68
C ASP A 26 6.10 33.23 0.83
N LEU A 27 5.70 32.25 1.65
CA LEU A 27 5.86 32.36 3.11
C LEU A 27 7.19 31.82 3.67
N GLY A 28 8.14 31.59 2.80
CA GLY A 28 9.46 31.20 3.28
C GLY A 28 9.75 29.72 3.40
N ILE A 29 8.91 28.88 2.78
CA ILE A 29 9.06 27.42 2.89
C ILE A 29 9.75 26.83 1.66
N ASN A 30 10.73 25.93 1.88
CA ASN A 30 11.35 25.23 0.81
C ASN A 30 10.35 24.22 0.25
N VAL A 31 10.19 24.26 -1.05
CA VAL A 31 9.28 23.35 -1.77
C VAL A 31 10.17 22.28 -2.40
N ILE A 32 9.84 21.01 -2.14
CA ILE A 32 10.57 19.88 -2.69
C ILE A 32 9.64 19.11 -3.64
N ASP A 33 9.91 19.19 -4.93
CA ASP A 33 8.98 18.70 -5.95
C ASP A 33 9.34 17.33 -6.48
N ALA A 34 8.49 16.35 -6.24
CA ALA A 34 8.77 14.97 -6.71
C ALA A 34 9.07 14.85 -8.22
N ASP A 35 8.44 15.67 -9.08
CA ASP A 35 8.72 15.63 -10.53
C ASP A 35 10.11 16.21 -10.86
N ILE A 36 10.58 17.13 -10.04
CA ILE A 36 11.93 17.67 -10.20
C ILE A 36 12.95 16.65 -9.71
N ILE A 37 12.67 16.06 -8.55
CA ILE A 37 13.54 15.00 -8.03
C ILE A 37 13.73 13.90 -9.07
N ALA A 38 12.63 13.50 -9.74
CA ALA A 38 12.68 12.41 -10.73
C ALA A 38 13.65 12.72 -11.87
N ARG A 39 13.71 13.98 -12.26
CA ARG A 39 14.70 14.42 -13.25
C ARG A 39 16.11 14.47 -12.68
N GLN A 40 16.21 14.84 -11.40
CA GLN A 40 17.54 14.96 -10.81
C GLN A 40 18.21 13.60 -10.63
N VAL A 41 17.42 12.56 -10.37
CA VAL A 41 18.03 11.26 -10.14
C VAL A 41 18.55 10.58 -11.39
N VAL A 42 18.29 11.17 -12.56
CA VAL A 42 18.83 10.60 -13.80
C VAL A 42 19.80 11.57 -14.50
N GLU A 43 20.33 12.52 -13.72
CA GLU A 43 21.35 13.45 -14.18
C GLU A 43 22.69 12.75 -14.30
N PRO A 44 23.59 13.30 -15.11
CA PRO A 44 24.94 12.75 -15.22
C PRO A 44 25.56 12.47 -13.85
N GLY A 45 26.10 11.27 -13.72
CA GLY A 45 26.82 10.83 -12.54
C GLY A 45 25.92 10.06 -11.60
N ALA A 46 24.60 10.11 -11.81
CA ALA A 46 23.66 9.47 -10.88
C ALA A 46 23.51 7.97 -11.16
N PRO A 47 23.40 7.18 -10.09
CA PRO A 47 23.22 5.73 -10.26
C PRO A 47 22.08 5.31 -11.15
N ALA A 48 20.91 5.99 -11.12
CA ALA A 48 19.80 5.56 -11.96
C ALA A 48 20.17 5.67 -13.44
N LEU A 49 20.89 6.73 -13.79
CA LEU A 49 21.32 6.92 -15.17
C LEU A 49 22.23 5.79 -15.64
N HIS A 50 23.24 5.46 -14.84
CA HIS A 50 24.10 4.37 -15.23
C HIS A 50 23.35 3.03 -15.34
N ALA A 51 22.44 2.78 -14.43
CA ALA A 51 21.67 1.52 -14.48
C ALA A 51 20.76 1.48 -15.70
N ILE A 52 20.20 2.63 -16.09
CA ILE A 52 19.37 2.67 -17.31
C ILE A 52 20.21 2.33 -18.55
N ALA A 53 21.40 2.91 -18.61
CA ALA A 53 22.32 2.63 -19.72
C ALA A 53 22.81 1.14 -19.76
N ASP A 54 23.06 0.57 -18.58
CA ASP A 54 23.48 -0.84 -18.45
C ASP A 54 22.32 -1.72 -18.94
N HIS A 55 21.08 -1.35 -18.59
CA HIS A 55 19.89 -2.19 -18.84
C HIS A 55 19.42 -2.11 -20.28
N PHE A 56 19.37 -0.91 -20.82
CA PHE A 56 18.77 -0.70 -22.14
C PHE A 56 19.85 -0.51 -23.23
N GLY A 57 21.04 -0.12 -22.83
CA GLY A 57 22.13 0.06 -23.77
C GLY A 57 22.59 1.49 -23.77
N ALA A 58 23.79 1.72 -24.29
CA ALA A 58 24.40 3.06 -24.32
C ALA A 58 23.60 4.09 -25.13
N ASN A 59 22.73 3.62 -26.02
CA ASN A 59 21.83 4.54 -26.75
C ASN A 59 20.89 5.37 -25.87
N MET A 60 20.71 4.96 -24.61
CA MET A 60 19.91 5.76 -23.65
C MET A 60 20.58 7.07 -23.20
N ILE A 61 21.85 7.25 -23.53
CA ILE A 61 22.56 8.47 -23.16
C ILE A 61 22.67 9.45 -24.33
N ALA A 62 22.22 10.68 -24.11
CA ALA A 62 22.27 11.72 -25.15
C ALA A 62 23.69 12.19 -25.47
N ALA A 63 23.84 12.98 -26.54
CA ALA A 63 25.15 13.54 -26.89
C ALA A 63 25.78 14.32 -25.73
N ASP A 64 24.97 15.04 -24.97
CA ASP A 64 25.51 15.81 -23.83
C ASP A 64 25.68 15.01 -22.52
N GLY A 65 25.43 13.70 -22.57
CA GLY A 65 25.64 12.85 -21.40
C GLY A 65 24.38 12.70 -20.55
N THR A 66 23.34 13.43 -20.90
CA THR A 66 22.13 13.33 -20.11
C THR A 66 21.26 12.18 -20.66
N LEU A 67 20.14 11.90 -20.01
CA LEU A 67 19.26 10.85 -20.45
C LEU A 67 18.60 11.24 -21.74
N GLN A 68 18.62 10.30 -22.67
CA GLN A 68 17.90 10.49 -23.93
C GLN A 68 16.45 10.07 -23.65
N ARG A 69 15.60 10.98 -23.18
CA ARG A 69 14.24 10.59 -22.75
C ARG A 69 13.41 9.92 -23.85
N ARG A 70 13.53 10.44 -25.09
CA ARG A 70 12.80 9.88 -26.24
C ARG A 70 13.15 8.43 -26.53
N ALA A 71 14.42 8.09 -26.40
CA ALA A 71 14.84 6.72 -26.71
C ALA A 71 14.31 5.78 -25.60
N LEU A 72 14.38 6.24 -24.34
CA LEU A 72 13.88 5.44 -23.20
C LEU A 72 12.34 5.21 -23.34
N ARG A 73 11.59 6.30 -23.59
CA ARG A 73 10.15 6.25 -23.91
C ARG A 73 9.79 5.12 -24.89
N GLU A 74 10.54 5.02 -26.00
CA GLU A 74 10.23 4.01 -27.01
C GLU A 74 10.52 2.55 -26.53
N ARG A 75 11.59 2.36 -25.75
CA ARG A 75 11.91 1.04 -25.19
C ARG A 75 10.81 0.58 -24.23
N ILE A 76 10.23 1.50 -23.50
CA ILE A 76 9.14 1.10 -22.63
C ILE A 76 7.93 0.69 -23.49
N PHE A 77 7.59 1.50 -24.48
CA PHE A 77 6.53 1.17 -25.44
C PHE A 77 6.68 -0.18 -26.18
N ALA A 78 7.90 -0.48 -26.65
CA ALA A 78 8.21 -1.78 -27.26
C ALA A 78 8.02 -2.94 -26.28
N ASN A 79 8.46 -2.75 -25.03
CA ASN A 79 8.21 -3.73 -23.97
C ASN A 79 7.63 -3.10 -22.71
N PRO A 80 6.30 -3.03 -22.65
CA PRO A 80 5.59 -2.38 -21.54
C PRO A 80 6.01 -2.77 -20.12
N GLU A 81 6.46 -4.00 -19.94
CA GLU A 81 6.94 -4.53 -18.65
C GLU A 81 8.28 -3.92 -18.21
N GLU A 82 8.91 -3.15 -19.10
CA GLU A 82 10.12 -2.44 -18.75
C GLU A 82 9.75 -1.25 -17.84
N LYS A 83 8.52 -0.77 -17.96
CA LYS A 83 8.00 0.28 -17.08
C LYS A 83 8.16 -0.13 -15.63
N ASN A 84 7.81 -1.38 -15.35
CA ASN A 84 7.94 -1.95 -14.02
C ASN A 84 9.40 -1.99 -13.57
N TRP A 85 10.31 -2.36 -14.49
CA TRP A 85 11.75 -2.40 -14.15
C TRP A 85 12.17 -0.98 -13.78
N LEU A 86 11.79 -0.02 -14.61
CA LEU A 86 12.14 1.40 -14.43
C LEU A 86 11.61 2.00 -13.12
N ASN A 87 10.31 1.80 -12.84
CA ASN A 87 9.76 2.19 -11.56
C ASN A 87 10.48 1.58 -10.36
N ALA A 88 10.80 0.27 -10.44
CA ALA A 88 11.51 -0.44 -9.36
C ALA A 88 12.91 0.14 -9.13
N LEU A 89 13.58 0.53 -10.21
CA LEU A 89 14.90 1.14 -10.10
C LEU A 89 14.77 2.50 -9.38
N LEU A 90 13.87 3.34 -9.87
CA LEU A 90 13.79 4.72 -9.43
C LEU A 90 13.23 4.88 -8.02
N HIS A 91 12.36 3.97 -7.58
CA HIS A 91 11.63 4.15 -6.31
C HIS A 91 12.61 4.44 -5.15
N PRO A 92 13.54 3.52 -4.84
CA PRO A 92 14.52 3.74 -3.75
C PRO A 92 15.40 4.97 -3.97
N LEU A 93 15.78 5.22 -5.22
CA LEU A 93 16.72 6.31 -5.51
C LEU A 93 16.03 7.66 -5.36
N ILE A 94 14.80 7.76 -5.84
CA ILE A 94 14.01 8.97 -5.65
C ILE A 94 13.87 9.26 -4.12
N GLN A 95 13.49 8.26 -3.34
CA GLN A 95 13.38 8.49 -1.88
C GLN A 95 14.68 8.98 -1.22
N GLN A 96 15.81 8.37 -1.60
CA GLN A 96 17.12 8.76 -1.06
C GLN A 96 17.48 10.20 -1.43
N GLU A 97 17.31 10.56 -2.70
CA GLU A 97 17.47 11.96 -3.11
C GLU A 97 16.52 12.94 -2.39
N THR A 98 15.27 12.54 -2.23
CA THR A 98 14.29 13.31 -1.45
C THR A 98 14.76 13.56 0.00
N GLN A 99 15.12 12.49 0.69
CA GLN A 99 15.63 12.54 2.05
C GLN A 99 16.83 13.49 2.12
N HIS A 100 17.72 13.37 1.15
CA HIS A 100 18.92 14.24 1.06
C HIS A 100 18.57 15.73 0.90
N GLN A 101 17.57 16.01 0.07
CA GLN A 101 17.18 17.41 -0.09
C GLN A 101 16.39 17.95 1.10
N ILE A 102 15.58 17.11 1.72
CA ILE A 102 14.84 17.55 2.92
C ILE A 102 15.86 17.86 4.03
N GLN A 103 16.80 16.94 4.25
CA GLN A 103 17.93 17.18 5.16
C GLN A 103 18.70 18.47 4.89
N GLN A 104 18.71 18.93 3.64
CA GLN A 104 19.46 20.13 3.29
C GLN A 104 18.65 21.44 3.36
N ALA A 105 17.33 21.34 3.51
CA ALA A 105 16.45 22.54 3.45
C ALA A 105 16.71 23.41 4.68
N THR A 106 16.36 24.68 4.63
CA THR A 106 16.54 25.55 5.79
C THR A 106 15.22 25.97 6.46
N SER A 107 14.08 25.71 5.83
CA SER A 107 12.82 26.09 6.46
C SER A 107 12.44 25.05 7.54
N PRO A 108 11.70 25.43 8.59
CA PRO A 108 11.42 24.52 9.71
C PRO A 108 10.60 23.26 9.28
N TYR A 109 9.70 23.43 8.33
CA TYR A 109 9.10 22.29 7.62
C TYR A 109 9.30 22.49 6.14
N VAL A 110 9.19 21.40 5.36
CA VAL A 110 9.25 21.49 3.90
C VAL A 110 7.86 21.17 3.36
N LEU A 111 7.55 21.66 2.17
CA LEU A 111 6.37 21.24 1.47
C LEU A 111 6.81 20.32 0.34
N TRP A 112 6.43 19.04 0.48
CA TRP A 112 6.87 18.00 -0.44
C TRP A 112 5.73 17.71 -1.41
N VAL A 113 5.90 18.11 -2.66
CA VAL A 113 4.80 18.06 -3.61
C VAL A 113 4.89 16.76 -4.34
N VAL A 114 3.87 15.93 -4.18
CA VAL A 114 3.89 14.58 -4.71
C VAL A 114 2.61 14.24 -5.49
N PRO A 115 2.60 14.41 -6.80
CA PRO A 115 1.40 14.03 -7.57
C PRO A 115 0.83 12.64 -7.29
N LEU A 116 1.70 11.65 -7.13
CA LEU A 116 1.29 10.27 -6.97
C LEU A 116 1.32 9.82 -5.51
N LEU A 117 1.14 10.76 -4.61
CA LEU A 117 1.22 10.48 -3.14
C LEU A 117 0.29 9.32 -2.78
N VAL A 118 -0.97 9.41 -3.20
CA VAL A 118 -1.95 8.37 -2.88
C VAL A 118 -1.74 7.10 -3.68
N GLU A 119 -1.53 7.24 -4.99
CA GLU A 119 -1.29 6.09 -5.88
C GLU A 119 -0.13 5.20 -5.45
N ASN A 120 0.96 5.84 -5.03
CA ASN A 120 2.14 5.13 -4.60
C ASN A 120 2.30 4.99 -3.08
N SER A 121 1.26 5.35 -2.30
CA SER A 121 1.30 5.31 -0.81
C SER A 121 2.52 6.03 -0.18
N LEU A 122 2.92 7.12 -0.79
CA LEU A 122 4.09 7.83 -0.32
C LEU A 122 3.81 8.72 0.90
N TYR A 123 2.53 8.82 1.30
CA TYR A 123 2.16 9.48 2.55
C TYR A 123 2.79 8.83 3.79
N LYS A 124 3.22 7.57 3.66
CA LYS A 124 3.89 6.83 4.74
C LYS A 124 5.22 7.53 5.07
N LYS A 125 5.70 8.38 4.16
CA LYS A 125 6.96 9.08 4.41
C LYS A 125 6.77 10.56 4.75
N ALA A 126 5.53 10.97 5.00
CA ALA A 126 5.26 12.35 5.41
C ALA A 126 4.81 12.41 6.84
N ASN A 127 5.11 13.52 7.49
CA ASN A 127 4.59 13.77 8.84
C ASN A 127 3.13 14.25 8.80
N ARG A 128 2.70 14.90 7.71
CA ARG A 128 1.36 15.49 7.61
C ARG A 128 0.97 15.54 6.11
N VAL A 129 -0.32 15.41 5.80
CA VAL A 129 -0.77 15.36 4.38
C VAL A 129 -1.76 16.48 4.13
N LEU A 130 -1.47 17.29 3.14
CA LEU A 130 -2.37 18.36 2.73
C LEU A 130 -2.88 18.01 1.32
N VAL A 131 -4.20 17.99 1.12
CA VAL A 131 -4.72 17.70 -0.21
C VAL A 131 -5.31 18.97 -0.75
N VAL A 132 -4.90 19.36 -1.95
CA VAL A 132 -5.61 20.40 -2.70
C VAL A 132 -6.77 19.79 -3.49
N ASP A 133 -7.99 20.21 -3.15
CA ASP A 133 -9.23 19.58 -3.56
C ASP A 133 -10.03 20.50 -4.50
N VAL A 134 -10.56 19.90 -5.56
CA VAL A 134 -11.40 20.60 -6.53
C VAL A 134 -12.47 19.55 -6.96
N SER A 135 -13.51 20.01 -7.65
CA SER A 135 -14.56 19.11 -8.17
C SER A 135 -13.99 18.47 -9.42
N PRO A 136 -14.43 17.28 -9.82
CA PRO A 136 -14.00 16.73 -11.12
C PRO A 136 -14.25 17.67 -12.31
N GLU A 137 -15.34 18.42 -12.25
CA GLU A 137 -15.64 19.42 -13.28
C GLU A 137 -14.50 20.45 -13.44
N THR A 138 -13.93 20.89 -12.34
CA THR A 138 -12.77 21.79 -12.41
C THR A 138 -11.58 21.12 -13.08
N GLN A 139 -11.36 19.86 -12.71
CA GLN A 139 -10.24 19.06 -13.26
C GLN A 139 -10.42 18.97 -14.77
N LEU A 140 -11.66 18.72 -15.18
CA LEU A 140 -11.95 18.53 -16.61
C LEU A 140 -11.74 19.83 -17.38
N LYS A 141 -12.34 20.89 -16.89
CA LYS A 141 -12.29 22.14 -17.63
C LYS A 141 -10.87 22.67 -17.70
N ARG A 142 -10.15 22.64 -16.56
CA ARG A 142 -8.79 23.17 -16.54
C ARG A 142 -7.84 22.42 -17.48
N THR A 143 -7.97 21.09 -17.53
CA THR A 143 -7.10 20.25 -18.36
C THR A 143 -7.43 20.43 -19.85
N MET A 144 -8.72 20.61 -20.15
CA MET A 144 -9.13 20.89 -21.52
C MET A 144 -8.51 22.21 -22.02
N GLN A 145 -8.55 23.24 -21.18
CA GLN A 145 -8.07 24.58 -21.53
C GLN A 145 -6.55 24.56 -21.65
N ARG A 146 -5.91 23.84 -20.73
CA ARG A 146 -4.46 23.83 -20.65
C ARG A 146 -3.81 23.10 -21.82
N ASP A 147 -4.45 22.04 -22.29
CA ASP A 147 -3.82 21.16 -23.26
C ASP A 147 -4.57 21.13 -24.59
N ASP A 148 -5.75 21.75 -24.61
CA ASP A 148 -6.63 21.73 -25.79
C ASP A 148 -6.94 20.31 -26.20
N VAL A 149 -7.40 19.54 -25.22
CA VAL A 149 -7.72 18.13 -25.38
C VAL A 149 -9.25 17.99 -25.21
N THR A 150 -9.78 16.80 -25.52
CA THR A 150 -11.23 16.63 -25.40
C THR A 150 -11.61 16.28 -23.97
N ARG A 151 -12.87 16.51 -23.63
CA ARG A 151 -13.40 16.08 -22.35
C ARG A 151 -13.11 14.57 -22.15
N GLU A 152 -13.41 13.80 -23.19
CA GLU A 152 -13.26 12.35 -23.17
C GLU A 152 -11.81 11.93 -22.93
N HIS A 153 -10.88 12.75 -23.40
CA HIS A 153 -9.47 12.50 -23.17
C HIS A 153 -9.14 12.73 -21.68
N VAL A 154 -9.75 13.76 -21.08
CA VAL A 154 -9.45 14.07 -19.68
C VAL A 154 -10.10 13.03 -18.77
N GLU A 155 -11.32 12.61 -19.12
CA GLU A 155 -12.05 11.63 -18.33
C GLU A 155 -11.28 10.33 -18.17
N GLN A 156 -10.52 9.96 -19.20
CA GLN A 156 -9.67 8.80 -19.18
C GLN A 156 -8.48 8.95 -18.22
N ILE A 157 -7.92 10.16 -18.14
CA ILE A 157 -6.87 10.45 -17.16
C ILE A 157 -7.45 10.33 -15.74
N LEU A 158 -8.60 10.91 -15.52
CA LEU A 158 -9.26 10.87 -14.22
C LEU A 158 -9.57 9.44 -13.78
N ALA A 159 -10.04 8.63 -14.74
CA ALA A 159 -10.27 7.22 -14.48
C ALA A 159 -8.95 6.52 -14.13
N ALA A 160 -7.82 7.06 -14.57
CA ALA A 160 -6.52 6.45 -14.29
C ALA A 160 -5.86 6.87 -12.96
N GLN A 161 -6.27 8.00 -12.39
CA GLN A 161 -5.66 8.50 -11.15
C GLN A 161 -6.47 8.05 -9.93
N ALA A 162 -5.91 8.18 -8.72
CA ALA A 162 -6.68 7.90 -7.52
C ALA A 162 -7.94 8.77 -7.54
N THR A 163 -9.02 8.34 -6.88
CA THR A 163 -10.23 9.15 -6.89
C THR A 163 -10.09 10.37 -5.95
N ARG A 164 -11.02 11.31 -6.08
CA ARG A 164 -11.12 12.41 -5.12
C ARG A 164 -11.23 11.90 -3.68
N GLU A 165 -12.17 10.98 -3.46
CA GLU A 165 -12.43 10.41 -2.13
C GLU A 165 -11.23 9.63 -1.56
N ALA A 166 -10.45 8.98 -2.42
CA ALA A 166 -9.23 8.31 -1.98
C ALA A 166 -8.24 9.31 -1.38
N ARG A 167 -8.07 10.47 -2.03
CA ARG A 167 -7.16 11.52 -1.50
C ARG A 167 -7.71 12.09 -0.21
N LEU A 168 -9.02 12.36 -0.18
CA LEU A 168 -9.63 12.87 1.06
C LEU A 168 -9.44 11.91 2.22
N ALA A 169 -9.46 10.60 1.94
CA ALA A 169 -9.31 9.60 3.03
C ALA A 169 -7.95 9.69 3.74
N VAL A 170 -6.90 10.10 3.04
CA VAL A 170 -5.58 10.16 3.67
C VAL A 170 -5.20 11.61 4.07
N ALA A 171 -6.08 12.60 3.83
CA ALA A 171 -5.74 13.99 4.08
C ALA A 171 -5.77 14.32 5.59
N ASP A 172 -4.74 15.03 6.09
CA ASP A 172 -4.87 15.64 7.40
C ASP A 172 -5.56 17.01 7.32
N ASP A 173 -5.17 17.78 6.29
CA ASP A 173 -5.74 19.08 5.96
C ASP A 173 -6.21 19.09 4.54
N VAL A 174 -7.25 19.86 4.27
CA VAL A 174 -7.75 19.98 2.91
C VAL A 174 -7.92 21.45 2.54
N ILE A 175 -7.48 21.81 1.34
CA ILE A 175 -7.61 23.18 0.83
C ILE A 175 -8.35 23.19 -0.48
N ASP A 176 -9.46 23.94 -0.54
CA ASP A 176 -10.23 24.14 -1.76
C ASP A 176 -9.53 25.06 -2.76
N ASN A 177 -9.37 24.62 -4.01
CA ASN A 177 -8.77 25.47 -5.05
C ASN A 177 -9.57 25.49 -6.36
N ASN A 178 -10.90 25.53 -6.26
CA ASN A 178 -11.79 25.56 -7.44
C ASN A 178 -11.81 26.94 -8.12
N GLY A 179 -11.37 27.98 -7.40
CA GLY A 179 -11.48 29.34 -7.89
C GLY A 179 -10.19 30.01 -8.28
N ALA A 180 -10.08 31.29 -7.92
CA ALA A 180 -8.97 32.12 -8.36
C ALA A 180 -7.70 31.81 -7.52
N PRO A 181 -6.51 32.06 -8.08
CA PRO A 181 -5.24 31.70 -7.43
C PRO A 181 -5.07 32.41 -6.08
N ASP A 182 -5.53 33.66 -5.95
CA ASP A 182 -5.39 34.38 -4.64
C ASP A 182 -6.41 33.98 -3.59
N ALA A 183 -7.45 33.25 -3.99
CA ALA A 183 -8.50 32.83 -3.05
C ALA A 183 -8.00 31.86 -1.96
N ILE A 184 -6.81 31.27 -2.13
CA ILE A 184 -6.30 30.31 -1.17
C ILE A 184 -5.49 31.00 -0.06
N ALA A 185 -5.30 32.31 -0.18
CA ALA A 185 -4.28 32.98 0.64
C ALA A 185 -4.51 32.78 2.11
N SER A 186 -5.76 32.95 2.53
CA SER A 186 -6.12 32.90 3.90
C SER A 186 -5.96 31.50 4.49
N ASP A 187 -6.39 30.47 3.73
CA ASP A 187 -6.26 29.09 4.16
C ASP A 187 -4.76 28.73 4.26
N VAL A 188 -3.96 29.10 3.26
CA VAL A 188 -2.50 28.83 3.34
C VAL A 188 -1.86 29.47 4.60
N ALA A 189 -2.22 30.74 4.91
CA ALA A 189 -1.69 31.41 6.13
C ALA A 189 -2.05 30.68 7.42
N ARG A 190 -3.31 30.28 7.55
CA ARG A 190 -3.73 29.52 8.73
C ARG A 190 -2.93 28.17 8.79
N LEU A 191 -2.82 27.47 7.66
CA LEU A 191 -2.06 26.18 7.63
C LEU A 191 -0.56 26.38 7.98
N HIS A 192 0.04 27.37 7.32
CA HIS A 192 1.43 27.80 7.61
C HIS A 192 1.68 28.03 9.10
N ALA A 193 0.81 28.79 9.78
CA ALA A 193 0.97 29.01 11.21
C ALA A 193 0.92 27.71 12.03
N HIS A 194 0.01 26.78 11.67
CA HIS A 194 -0.10 25.52 12.36
C HIS A 194 1.16 24.68 12.10
N TYR A 195 1.59 24.63 10.87
CA TYR A 195 2.76 23.83 10.49
C TYR A 195 4.05 24.28 11.17
N LEU A 196 4.25 25.58 11.30
CA LEU A 196 5.38 26.06 12.07
C LEU A 196 5.33 25.63 13.55
N GLN A 197 4.16 25.64 14.15
CA GLN A 197 4.00 25.10 15.53
C GLN A 197 4.34 23.61 15.59
N LEU A 198 3.74 22.82 14.70
CA LEU A 198 4.08 21.38 14.68
C LEU A 198 5.55 21.13 14.43
N ALA A 199 6.14 21.85 13.48
CA ALA A 199 7.59 21.74 13.22
C ALA A 199 8.48 22.04 14.45
N SER A 200 8.05 23.02 15.26
CA SER A 200 8.84 23.46 16.40
C SER A 200 8.77 22.44 17.53
N GLN A 201 7.71 21.62 17.53
CA GLN A 201 7.44 20.73 18.65
C GLN A 201 7.62 19.25 18.36
N PHE A 202 7.65 18.81 17.09
CA PHE A 202 7.49 17.35 16.83
C PHE A 202 8.62 16.46 17.38
N VAL A 203 9.85 16.97 17.45
CA VAL A 203 10.96 16.10 17.85
C VAL A 203 10.87 15.64 19.31
N SER A 204 10.51 16.59 20.19
CA SER A 204 10.43 16.31 21.64
C SER A 204 9.01 15.96 22.12
N GLN A 205 8.01 16.06 21.24
CA GLN A 205 6.62 15.83 21.62
C GLN A 205 6.37 14.40 22.16
N GLU A 206 6.12 14.30 23.46
CA GLU A 206 5.85 13.02 24.13
C GLU A 206 4.64 12.30 23.60
N LYS A 207 3.50 12.97 23.68
CA LYS A 207 2.23 12.40 23.29
C LYS A 207 1.86 12.79 21.85
N PRO A 208 1.32 11.85 21.08
CA PRO A 208 0.91 12.12 19.69
C PRO A 208 -0.13 13.26 19.64
N GLU A 209 -0.10 14.07 18.59
CA GLU A 209 -0.97 15.26 18.48
C GLU A 209 -1.37 15.91 19.82
N SER B 2 -17.89 9.18 -20.61
CA SER B 2 -18.52 10.03 -19.53
C SER B 2 -18.07 9.50 -18.17
N LEU B 3 -17.89 10.37 -17.17
CA LEU B 3 -17.33 9.96 -15.87
C LEU B 3 -18.37 9.27 -14.98
N ARG B 4 -18.19 7.98 -14.70
CA ARG B 4 -19.16 7.21 -13.94
C ARG B 4 -18.74 7.12 -12.50
N TYR B 5 -19.72 7.18 -11.60
CA TYR B 5 -19.51 7.00 -10.18
C TYR B 5 -19.26 5.51 -9.91
N ILE B 6 -18.17 5.21 -9.21
CA ILE B 6 -17.77 3.80 -8.96
C ILE B 6 -17.92 3.48 -7.50
N VAL B 7 -18.83 2.56 -7.17
CA VAL B 7 -18.88 2.02 -5.82
C VAL B 7 -18.17 0.66 -5.87
N ALA B 8 -17.12 0.47 -5.09
CA ALA B 8 -16.48 -0.83 -5.06
C ALA B 8 -17.06 -1.78 -3.99
N LEU B 9 -17.34 -3.02 -4.36
CA LEU B 9 -17.81 -3.99 -3.40
C LEU B 9 -16.72 -5.03 -3.12
N THR B 10 -16.40 -5.27 -1.85
CA THR B 10 -15.49 -6.38 -1.50
C THR B 10 -15.96 -7.15 -0.27
N GLY B 11 -15.26 -8.24 0.05
CA GLY B 11 -15.67 -9.13 1.11
C GLY B 11 -14.75 -10.34 0.99
N GLY B 12 -14.63 -11.14 2.06
CA GLY B 12 -13.76 -12.29 2.05
C GLY B 12 -14.48 -13.47 1.41
N ILE B 13 -13.75 -14.56 1.21
CA ILE B 13 -14.38 -15.75 0.65
C ILE B 13 -15.54 -16.15 1.54
N GLY B 14 -16.68 -16.47 0.94
CA GLY B 14 -17.80 -16.93 1.74
C GLY B 14 -18.61 -15.82 2.32
N SER B 15 -18.30 -14.58 1.94
CA SER B 15 -19.02 -13.49 2.57
C SER B 15 -20.32 -13.23 1.83
N GLY B 16 -20.47 -13.82 0.65
CA GLY B 16 -21.67 -13.67 -0.17
C GLY B 16 -21.63 -12.46 -1.07
N LYS B 17 -20.44 -12.09 -1.54
CA LYS B 17 -20.29 -10.92 -2.43
C LYS B 17 -21.34 -10.91 -3.56
N SER B 18 -21.54 -12.07 -4.21
CA SER B 18 -22.46 -12.17 -5.35
C SER B 18 -23.89 -11.88 -4.97
N THR B 19 -24.31 -12.37 -3.81
CA THR B 19 -25.64 -12.10 -3.28
C THR B 19 -25.92 -10.59 -3.15
N VAL B 20 -24.97 -9.85 -2.56
CA VAL B 20 -25.11 -8.41 -2.46
C VAL B 20 -25.05 -7.71 -3.85
N ALA B 21 -24.09 -8.07 -4.71
CA ALA B 21 -23.98 -7.45 -6.05
C ALA B 21 -25.24 -7.65 -6.87
N ASN B 22 -25.82 -8.84 -6.76
CA ASN B 22 -27.04 -9.18 -7.50
C ASN B 22 -28.25 -8.38 -7.00
N ALA B 23 -28.27 -8.06 -5.72
CA ALA B 23 -29.32 -7.20 -5.16
C ALA B 23 -29.22 -5.76 -5.67
N PHE B 24 -28.00 -5.29 -5.92
CA PHE B 24 -27.80 -4.00 -6.63
C PHE B 24 -28.22 -4.11 -8.08
N ALA B 25 -27.95 -5.25 -8.71
CA ALA B 25 -28.42 -5.43 -10.10
C ALA B 25 -29.92 -5.36 -10.12
N ASP B 26 -30.54 -5.98 -9.11
CA ASP B 26 -32.00 -5.99 -8.96
C ASP B 26 -32.62 -4.56 -8.93
N LEU B 27 -31.86 -3.57 -8.46
CA LEU B 27 -32.29 -2.16 -8.45
C LEU B 27 -31.80 -1.38 -9.69
N GLY B 28 -31.28 -2.10 -10.68
CA GLY B 28 -31.05 -1.55 -12.00
C GLY B 28 -29.60 -1.13 -12.20
N ILE B 29 -28.71 -1.56 -11.31
CA ILE B 29 -27.28 -1.18 -11.39
C ILE B 29 -26.42 -2.18 -12.18
N ASN B 30 -25.61 -1.68 -13.11
CA ASN B 30 -24.63 -2.52 -13.85
C ASN B 30 -23.50 -2.94 -12.91
N VAL B 31 -23.27 -4.26 -12.84
CA VAL B 31 -22.23 -4.85 -12.02
C VAL B 31 -21.04 -5.24 -12.90
N ILE B 32 -19.86 -4.75 -12.53
CA ILE B 32 -18.64 -5.11 -13.24
C ILE B 32 -17.79 -5.91 -12.28
N ASP B 33 -17.50 -7.15 -12.68
CA ASP B 33 -16.98 -8.15 -11.78
C ASP B 33 -15.51 -8.43 -12.19
N ALA B 34 -14.59 -8.08 -11.30
CA ALA B 34 -13.15 -8.26 -11.53
C ALA B 34 -12.77 -9.70 -11.98
N ASP B 35 -13.42 -10.70 -11.41
CA ASP B 35 -13.14 -12.09 -11.74
C ASP B 35 -13.58 -12.37 -13.16
N ILE B 36 -14.67 -11.73 -13.57
CA ILE B 36 -15.16 -11.97 -14.93
C ILE B 36 -14.23 -11.29 -15.92
N ILE B 37 -13.81 -10.07 -15.62
CA ILE B 37 -12.87 -9.35 -16.46
C ILE B 37 -11.56 -10.17 -16.57
N ALA B 38 -11.08 -10.70 -15.45
CA ALA B 38 -9.82 -11.49 -15.46
C ALA B 38 -9.93 -12.71 -16.39
N ARG B 39 -11.12 -13.31 -16.45
CA ARG B 39 -11.34 -14.43 -17.36
C ARG B 39 -11.37 -13.98 -18.81
N GLN B 40 -12.06 -12.86 -19.06
CA GLN B 40 -12.24 -12.32 -20.39
C GLN B 40 -10.93 -11.94 -21.08
N VAL B 41 -9.97 -11.40 -20.32
CA VAL B 41 -8.66 -10.99 -20.87
C VAL B 41 -7.73 -12.16 -21.28
N VAL B 42 -7.99 -13.37 -20.76
CA VAL B 42 -7.25 -14.57 -21.20
C VAL B 42 -8.06 -15.56 -22.07
N GLU B 43 -9.16 -15.10 -22.67
CA GLU B 43 -10.01 -15.91 -23.54
C GLU B 43 -9.25 -16.30 -24.80
N PRO B 44 -9.63 -17.39 -25.48
CA PRO B 44 -8.91 -17.77 -26.71
C PRO B 44 -8.81 -16.59 -27.68
N GLY B 45 -7.65 -16.40 -28.32
CA GLY B 45 -7.52 -15.26 -29.22
C GLY B 45 -7.05 -13.93 -28.63
N ALA B 46 -7.23 -13.72 -27.32
CA ALA B 46 -6.72 -12.52 -26.64
C ALA B 46 -5.19 -12.41 -26.61
N PRO B 47 -4.66 -11.19 -26.56
CA PRO B 47 -3.21 -11.00 -26.53
C PRO B 47 -2.56 -11.67 -25.32
N ALA B 48 -3.20 -11.59 -24.15
CA ALA B 48 -2.59 -12.12 -22.93
C ALA B 48 -2.28 -13.60 -23.10
N LEU B 49 -3.15 -14.32 -23.78
CA LEU B 49 -3.02 -15.75 -23.98
C LEU B 49 -1.84 -16.07 -24.89
N HIS B 50 -1.72 -15.33 -26.00
CA HIS B 50 -0.58 -15.42 -26.89
C HIS B 50 0.72 -15.19 -26.12
N ALA B 51 0.74 -14.15 -25.29
CA ALA B 51 1.89 -13.83 -24.47
C ALA B 51 2.20 -14.94 -23.45
N ILE B 52 1.17 -15.51 -22.83
CA ILE B 52 1.35 -16.60 -21.83
C ILE B 52 1.96 -17.86 -22.46
N ALA B 53 1.45 -18.24 -23.63
CA ALA B 53 1.97 -19.41 -24.37
C ALA B 53 3.42 -19.23 -24.77
N ASP B 54 3.77 -18.00 -25.13
CA ASP B 54 5.16 -17.68 -25.52
C ASP B 54 6.12 -17.78 -24.33
N HIS B 55 5.71 -17.26 -23.18
CA HIS B 55 6.57 -17.23 -21.99
C HIS B 55 6.59 -18.60 -21.31
N PHE B 56 5.42 -19.25 -21.20
CA PHE B 56 5.35 -20.50 -20.44
C PHE B 56 5.38 -21.79 -21.30
N GLY B 57 5.12 -21.69 -22.60
CA GLY B 57 5.04 -22.88 -23.44
C GLY B 57 3.65 -23.14 -24.02
N ALA B 58 3.60 -23.89 -25.12
CA ALA B 58 2.35 -24.11 -25.81
C ALA B 58 1.47 -25.07 -25.02
N ASN B 59 2.07 -25.76 -24.06
CA ASN B 59 1.34 -26.62 -23.15
C ASN B 59 0.49 -25.89 -22.10
N MET B 60 0.49 -24.56 -22.15
CA MET B 60 -0.41 -23.79 -21.29
C MET B 60 -1.76 -23.54 -21.99
N ILE B 61 -1.89 -24.04 -23.22
CA ILE B 61 -3.09 -23.87 -24.04
C ILE B 61 -3.76 -25.24 -24.29
N ALA B 62 -5.00 -25.39 -23.82
CA ALA B 62 -5.83 -26.57 -23.98
C ALA B 62 -6.15 -26.83 -25.45
N ALA B 63 -6.67 -28.02 -25.73
CA ALA B 63 -7.13 -28.41 -27.07
C ALA B 63 -8.06 -27.38 -27.66
N ASP B 64 -8.99 -26.87 -26.85
CA ASP B 64 -9.97 -25.89 -27.31
C ASP B 64 -9.45 -24.44 -27.33
N GLY B 65 -8.14 -24.26 -27.14
CA GLY B 65 -7.54 -22.94 -27.15
C GLY B 65 -7.67 -22.14 -25.85
N THR B 66 -8.29 -22.71 -24.83
CA THR B 66 -8.41 -21.97 -23.56
C THR B 66 -7.13 -22.16 -22.71
N LEU B 67 -6.99 -21.30 -21.70
CA LEU B 67 -5.89 -21.37 -20.75
C LEU B 67 -5.99 -22.56 -19.80
N GLN B 68 -4.91 -23.35 -19.69
CA GLN B 68 -4.83 -24.41 -18.69
C GLN B 68 -4.53 -23.76 -17.34
N ARG B 69 -5.56 -23.38 -16.60
CA ARG B 69 -5.38 -22.54 -15.42
C ARG B 69 -4.67 -23.26 -14.30
N ARG B 70 -5.04 -24.53 -14.12
CA ARG B 70 -4.56 -25.36 -13.04
C ARG B 70 -3.06 -25.57 -13.22
N ALA B 71 -2.66 -25.85 -14.46
CA ALA B 71 -1.25 -26.03 -14.84
C ALA B 71 -0.41 -24.76 -14.67
N LEU B 72 -0.95 -23.63 -15.13
CA LEU B 72 -0.31 -22.34 -14.92
C LEU B 72 -0.09 -22.06 -13.43
N ARG B 73 -1.13 -22.26 -12.61
CA ARG B 73 -1.04 -22.05 -11.16
C ARG B 73 0.02 -22.97 -10.56
N GLU B 74 0.01 -24.22 -10.98
CA GLU B 74 1.01 -25.19 -10.56
C GLU B 74 2.43 -24.78 -10.95
N ARG B 75 2.59 -24.22 -12.15
CA ARG B 75 3.89 -23.77 -12.63
C ARG B 75 4.44 -22.55 -11.88
N ILE B 76 3.59 -21.57 -11.59
CA ILE B 76 4.05 -20.36 -10.91
C ILE B 76 4.12 -20.49 -9.39
N PHE B 77 3.69 -21.64 -8.87
CA PHE B 77 3.49 -21.82 -7.43
C PHE B 77 4.77 -21.68 -6.61
N ALA B 78 5.83 -22.36 -7.04
CA ALA B 78 7.13 -22.29 -6.38
C ALA B 78 8.04 -21.22 -6.98
N ASN B 79 7.48 -20.29 -7.73
CA ASN B 79 8.30 -19.24 -8.31
C ASN B 79 7.67 -17.85 -8.33
N PRO B 80 7.96 -17.08 -7.29
CA PRO B 80 7.46 -15.70 -7.17
C PRO B 80 7.79 -14.86 -8.41
N GLU B 81 8.99 -15.04 -8.97
CA GLU B 81 9.38 -14.30 -10.18
C GLU B 81 8.34 -14.52 -11.29
N GLU B 82 7.94 -15.77 -11.49
CA GLU B 82 6.98 -16.11 -12.54
C GLU B 82 5.57 -15.60 -12.25
N LYS B 83 5.16 -15.67 -10.98
CA LYS B 83 3.89 -15.09 -10.50
C LYS B 83 3.86 -13.57 -10.74
N ASN B 84 4.98 -12.92 -10.47
CA ASN B 84 5.08 -11.48 -10.67
C ASN B 84 5.06 -11.13 -12.14
N TRP B 85 5.70 -11.94 -12.97
CA TRP B 85 5.67 -11.73 -14.41
C TRP B 85 4.21 -11.77 -14.88
N LEU B 86 3.50 -12.82 -14.46
CA LEU B 86 2.08 -12.98 -14.85
C LEU B 86 1.25 -11.77 -14.44
N ASN B 87 1.40 -11.29 -13.21
CA ASN B 87 0.64 -10.12 -12.76
C ASN B 87 0.94 -8.86 -13.57
N ALA B 88 2.21 -8.66 -13.94
CA ALA B 88 2.61 -7.45 -14.68
C ALA B 88 2.03 -7.46 -16.10
N LEU B 89 1.90 -8.65 -16.67
CA LEU B 89 1.26 -8.81 -17.97
C LEU B 89 -0.23 -8.49 -17.90
N LEU B 90 -0.91 -9.06 -16.91
CA LEU B 90 -2.37 -9.03 -16.86
C LEU B 90 -2.87 -7.69 -16.36
N HIS B 91 -2.09 -7.06 -15.49
CA HIS B 91 -2.45 -5.81 -14.83
C HIS B 91 -3.03 -4.70 -15.75
N PRO B 92 -2.28 -4.20 -16.73
CA PRO B 92 -2.80 -3.18 -17.64
C PRO B 92 -3.93 -3.66 -18.52
N LEU B 93 -3.98 -4.95 -18.84
CA LEU B 93 -5.07 -5.46 -19.68
C LEU B 93 -6.41 -5.50 -18.94
N ILE B 94 -6.38 -5.90 -17.66
CA ILE B 94 -7.58 -5.93 -16.81
C ILE B 94 -8.06 -4.49 -16.56
N GLN B 95 -7.12 -3.58 -16.33
CA GLN B 95 -7.45 -2.16 -16.11
C GLN B 95 -8.13 -1.57 -17.34
N GLN B 96 -7.57 -1.87 -18.51
CA GLN B 96 -8.14 -1.50 -19.82
C GLN B 96 -9.57 -2.02 -19.98
N GLU B 97 -9.76 -3.32 -19.79
CA GLU B 97 -11.08 -3.92 -19.98
C GLU B 97 -12.09 -3.37 -18.96
N THR B 98 -11.64 -3.20 -17.72
CA THR B 98 -12.55 -2.70 -16.67
C THR B 98 -13.07 -1.33 -17.09
N GLN B 99 -12.16 -0.43 -17.42
CA GLN B 99 -12.57 0.89 -17.94
C GLN B 99 -13.51 0.84 -19.15
N HIS B 100 -13.28 -0.11 -20.04
CA HIS B 100 -14.14 -0.27 -21.22
C HIS B 100 -15.57 -0.57 -20.80
N GLN B 101 -15.71 -1.50 -19.86
CA GLN B 101 -17.02 -1.88 -19.36
C GLN B 101 -17.67 -0.85 -18.47
N ILE B 102 -16.87 -0.07 -17.73
CA ILE B 102 -17.46 1.03 -16.99
C ILE B 102 -18.05 2.03 -17.99
N GLN B 103 -17.39 2.20 -19.13
CA GLN B 103 -17.84 3.16 -20.14
C GLN B 103 -19.08 2.71 -20.88
N GLN B 104 -19.32 1.42 -20.93
CA GLN B 104 -20.48 0.92 -21.62
C GLN B 104 -21.72 0.97 -20.74
N ALA B 105 -21.52 1.11 -19.42
CA ALA B 105 -22.61 0.99 -18.47
C ALA B 105 -23.50 2.20 -18.57
N THR B 106 -24.80 2.00 -18.48
CA THR B 106 -25.74 3.11 -18.58
C THR B 106 -26.58 3.33 -17.33
N SER B 107 -26.35 2.52 -16.31
CA SER B 107 -26.95 2.76 -14.99
C SER B 107 -26.35 4.04 -14.36
N PRO B 108 -27.03 4.63 -13.37
CA PRO B 108 -26.58 5.90 -12.76
C PRO B 108 -25.24 5.83 -12.03
N TYR B 109 -24.86 4.65 -11.55
CA TYR B 109 -23.51 4.42 -11.03
C TYR B 109 -23.20 2.94 -11.29
N VAL B 110 -21.94 2.53 -11.16
CA VAL B 110 -21.60 1.11 -11.36
C VAL B 110 -21.18 0.50 -10.03
N LEU B 111 -21.46 -0.79 -9.87
CA LEU B 111 -20.93 -1.56 -8.74
C LEU B 111 -19.79 -2.46 -9.24
N TRP B 112 -18.60 -2.21 -8.71
CA TRP B 112 -17.38 -2.85 -9.18
C TRP B 112 -17.02 -3.84 -8.11
N VAL B 113 -17.21 -5.12 -8.42
CA VAL B 113 -16.95 -6.21 -7.44
C VAL B 113 -15.48 -6.63 -7.53
N VAL B 114 -14.74 -6.50 -6.42
CA VAL B 114 -13.25 -6.70 -6.45
C VAL B 114 -12.84 -7.54 -5.24
N PRO B 115 -12.75 -8.87 -5.41
CA PRO B 115 -12.36 -9.75 -4.29
C PRO B 115 -11.07 -9.29 -3.61
N LEU B 116 -10.09 -8.86 -4.39
CA LEU B 116 -8.77 -8.46 -3.87
C LEU B 116 -8.62 -6.97 -3.62
N LEU B 117 -9.75 -6.30 -3.32
CA LEU B 117 -9.73 -4.83 -3.20
C LEU B 117 -8.71 -4.35 -2.15
N VAL B 118 -8.70 -4.97 -1.00
CA VAL B 118 -7.80 -4.49 0.07
C VAL B 118 -6.37 -4.92 -0.20
N GLU B 119 -6.24 -6.18 -0.61
CA GLU B 119 -4.93 -6.77 -0.93
C GLU B 119 -4.16 -6.09 -2.05
N ASN B 120 -4.88 -5.64 -3.07
CA ASN B 120 -4.24 -4.98 -4.20
C ASN B 120 -4.35 -3.46 -4.11
N SER B 121 -4.84 -2.93 -2.99
CA SER B 121 -4.97 -1.48 -2.80
C SER B 121 -5.84 -0.79 -3.84
N LEU B 122 -6.88 -1.48 -4.27
CA LEU B 122 -7.69 -0.96 -5.38
C LEU B 122 -8.81 -0.05 -4.89
N TYR B 123 -8.99 0.05 -3.57
CA TYR B 123 -9.93 1.04 -3.01
C TYR B 123 -9.50 2.44 -3.45
N LYS B 124 -8.23 2.62 -3.82
CA LYS B 124 -7.76 3.94 -4.31
C LYS B 124 -8.49 4.39 -5.60
N LYS B 125 -9.06 3.42 -6.31
CA LYS B 125 -9.74 3.66 -7.59
C LYS B 125 -11.27 3.71 -7.45
N ALA B 126 -11.75 3.67 -6.23
CA ALA B 126 -13.18 3.68 -6.00
C ALA B 126 -13.60 5.03 -5.41
N ASN B 127 -14.79 5.51 -5.79
CA ASN B 127 -15.36 6.73 -5.19
C ASN B 127 -15.96 6.43 -3.84
N ARG B 128 -16.34 5.16 -3.67
CA ARG B 128 -17.03 4.71 -2.48
C ARG B 128 -16.74 3.22 -2.26
N VAL B 129 -16.48 2.81 -1.01
CA VAL B 129 -16.20 1.39 -0.72
C VAL B 129 -17.30 0.75 0.15
N LEU B 130 -17.88 -0.33 -0.34
CA LEU B 130 -18.86 -1.11 0.42
C LEU B 130 -18.19 -2.46 0.77
N VAL B 131 -18.16 -2.80 2.05
CA VAL B 131 -17.69 -4.09 2.50
C VAL B 131 -18.86 -4.98 2.94
N VAL B 132 -18.90 -6.21 2.41
CA VAL B 132 -19.86 -7.21 2.86
C VAL B 132 -19.22 -8.00 4.00
N ASP B 133 -19.82 -7.92 5.17
CA ASP B 133 -19.17 -8.38 6.39
C ASP B 133 -19.89 -9.57 6.98
N VAL B 134 -19.10 -10.57 7.39
CA VAL B 134 -19.62 -11.78 8.06
C VAL B 134 -18.54 -12.28 9.06
N SER B 135 -18.95 -13.15 9.96
CA SER B 135 -18.01 -13.77 10.90
C SER B 135 -17.11 -14.76 10.16
N PRO B 136 -15.87 -14.92 10.60
CA PRO B 136 -15.05 -16.01 10.09
C PRO B 136 -15.80 -17.36 10.12
N GLU B 137 -16.57 -17.65 11.17
CA GLU B 137 -17.36 -18.91 11.19
C GLU B 137 -18.25 -19.04 9.93
N THR B 138 -18.94 -17.96 9.55
CA THR B 138 -19.78 -17.93 8.34
C THR B 138 -19.01 -18.16 7.07
N GLN B 139 -17.87 -17.47 6.92
CA GLN B 139 -16.95 -17.73 5.81
C GLN B 139 -16.65 -19.23 5.71
N LEU B 140 -16.32 -19.81 6.85
CA LEU B 140 -15.96 -21.21 6.95
C LEU B 140 -17.18 -22.07 6.60
N LYS B 141 -18.28 -21.89 7.32
CA LYS B 141 -19.46 -22.76 7.16
C LYS B 141 -20.07 -22.67 5.78
N ARG B 142 -20.13 -21.47 5.22
CA ARG B 142 -20.77 -21.30 3.92
C ARG B 142 -19.88 -21.78 2.79
N THR B 143 -18.58 -21.52 2.88
CA THR B 143 -17.60 -22.03 1.92
C THR B 143 -17.40 -23.55 2.01
N MET B 144 -17.57 -24.12 3.21
CA MET B 144 -17.55 -25.57 3.36
C MET B 144 -18.84 -26.11 2.71
N GLN B 145 -19.98 -25.57 3.14
CA GLN B 145 -21.30 -26.00 2.67
C GLN B 145 -21.53 -25.87 1.17
N ARG B 146 -20.94 -24.84 0.55
CA ARG B 146 -21.12 -24.59 -0.88
C ARG B 146 -20.11 -25.36 -1.72
N ASP B 147 -18.83 -25.04 -1.57
CA ASP B 147 -17.76 -25.70 -2.32
C ASP B 147 -17.53 -27.15 -1.89
N ASP B 148 -18.18 -27.56 -0.80
CA ASP B 148 -18.04 -28.90 -0.21
C ASP B 148 -16.59 -29.28 0.10
N VAL B 149 -15.86 -28.32 0.66
CA VAL B 149 -14.47 -28.51 1.04
C VAL B 149 -14.35 -28.66 2.56
N THR B 150 -13.14 -28.93 3.03
CA THR B 150 -12.89 -29.11 4.44
C THR B 150 -12.63 -27.78 5.15
N ARG B 151 -12.94 -27.77 6.45
CA ARG B 151 -12.60 -26.67 7.33
C ARG B 151 -11.20 -26.14 7.06
N GLU B 152 -10.24 -27.06 6.98
CA GLU B 152 -8.83 -26.70 6.80
C GLU B 152 -8.47 -26.29 5.39
N HIS B 153 -9.44 -26.31 4.48
CA HIS B 153 -9.21 -25.76 3.15
C HIS B 153 -9.51 -24.26 3.10
N VAL B 154 -10.60 -23.86 3.74
CA VAL B 154 -11.01 -22.47 3.79
C VAL B 154 -10.05 -21.66 4.69
N GLU B 155 -9.74 -22.22 5.86
CA GLU B 155 -8.75 -21.63 6.78
C GLU B 155 -7.51 -21.17 6.02
N GLN B 156 -7.04 -22.00 5.10
CA GLN B 156 -5.90 -21.63 4.27
C GLN B 156 -6.22 -20.44 3.38
N ILE B 157 -7.47 -20.35 2.90
CA ILE B 157 -7.85 -19.23 2.03
C ILE B 157 -7.83 -17.96 2.87
N LEU B 158 -8.34 -18.06 4.08
CA LEU B 158 -8.48 -16.91 4.97
C LEU B 158 -7.13 -16.37 5.40
N ALA B 159 -6.15 -17.27 5.57
CA ALA B 159 -4.77 -16.88 5.87
C ALA B 159 -4.12 -16.19 4.67
N ALA B 160 -4.60 -16.47 3.47
CA ALA B 160 -4.07 -15.82 2.28
C ALA B 160 -4.72 -14.46 1.97
N GLN B 161 -5.84 -14.19 2.63
CA GLN B 161 -6.62 -12.99 2.32
C GLN B 161 -6.40 -11.95 3.42
N ALA B 162 -6.74 -10.71 3.16
CA ALA B 162 -6.72 -9.65 4.16
C ALA B 162 -7.67 -10.06 5.28
N THR B 163 -7.44 -9.54 6.48
CA THR B 163 -8.29 -9.91 7.60
C THR B 163 -9.61 -9.16 7.50
N ARG B 164 -10.59 -9.63 8.24
CA ARG B 164 -11.86 -8.93 8.38
C ARG B 164 -11.68 -7.47 8.80
N GLU B 165 -10.78 -7.23 9.76
CA GLU B 165 -10.56 -5.89 10.30
C GLU B 165 -9.87 -4.97 9.27
N ALA B 166 -8.96 -5.53 8.49
CA ALA B 166 -8.35 -4.77 7.38
C ALA B 166 -9.38 -4.27 6.34
N ARG B 167 -10.39 -5.09 6.08
CA ARG B 167 -11.45 -4.68 5.16
C ARG B 167 -12.33 -3.58 5.79
N LEU B 168 -12.70 -3.74 7.06
CA LEU B 168 -13.52 -2.75 7.75
C LEU B 168 -12.77 -1.44 7.85
N ALA B 169 -11.44 -1.51 7.96
CA ALA B 169 -10.60 -0.30 8.00
C ALA B 169 -10.70 0.63 6.77
N VAL B 170 -11.02 0.06 5.59
CA VAL B 170 -11.14 0.86 4.36
C VAL B 170 -12.60 1.07 3.89
N ALA B 171 -13.58 0.61 4.66
CA ALA B 171 -15.00 0.70 4.24
C ALA B 171 -15.59 2.06 4.52
N ASP B 172 -16.42 2.54 3.58
CA ASP B 172 -17.29 3.68 3.81
C ASP B 172 -18.59 3.12 4.33
N ASP B 173 -19.01 2.00 3.77
CA ASP B 173 -20.27 1.36 4.18
C ASP B 173 -20.02 -0.11 4.46
N VAL B 174 -20.80 -0.67 5.39
CA VAL B 174 -20.72 -2.08 5.73
C VAL B 174 -22.12 -2.67 5.67
N ILE B 175 -22.23 -3.83 5.03
CA ILE B 175 -23.48 -4.56 5.03
C ILE B 175 -23.24 -5.93 5.62
N ASP B 176 -24.04 -6.29 6.61
CA ASP B 176 -23.87 -7.57 7.30
C ASP B 176 -24.58 -8.64 6.46
N ASN B 177 -23.87 -9.73 6.14
CA ASN B 177 -24.48 -10.87 5.44
C ASN B 177 -24.31 -12.24 6.10
N ASN B 178 -24.45 -12.29 7.41
CA ASN B 178 -24.39 -13.55 8.13
C ASN B 178 -25.65 -14.40 7.92
N GLY B 179 -26.78 -13.74 7.70
CA GLY B 179 -28.05 -14.42 7.64
C GLY B 179 -28.46 -14.82 6.24
N ALA B 180 -29.77 -14.72 5.98
CA ALA B 180 -30.35 -15.15 4.72
C ALA B 180 -30.26 -14.06 3.65
N PRO B 181 -30.29 -14.44 2.38
CA PRO B 181 -30.19 -13.46 1.29
C PRO B 181 -31.25 -12.37 1.35
N ASP B 182 -32.36 -12.64 2.01
CA ASP B 182 -33.50 -11.73 2.00
C ASP B 182 -33.36 -10.59 3.02
N ALA B 183 -32.59 -10.82 4.08
CA ALA B 183 -32.32 -9.79 5.09
C ALA B 183 -31.44 -8.63 4.55
N ILE B 184 -30.94 -8.84 3.33
CA ILE B 184 -30.05 -7.97 2.58
C ILE B 184 -30.83 -6.87 1.83
N ALA B 185 -32.11 -7.15 1.52
CA ALA B 185 -32.88 -6.32 0.60
C ALA B 185 -32.98 -4.89 1.08
N SER B 186 -33.30 -4.70 2.36
CA SER B 186 -33.53 -3.37 2.93
C SER B 186 -32.22 -2.59 3.00
N ASP B 187 -31.15 -3.23 3.49
CA ASP B 187 -29.84 -2.56 3.54
C ASP B 187 -29.37 -2.08 2.18
N VAL B 188 -29.52 -2.91 1.15
CA VAL B 188 -29.13 -2.54 -0.21
C VAL B 188 -29.98 -1.38 -0.75
N ALA B 189 -31.29 -1.42 -0.48
CA ALA B 189 -32.17 -0.31 -0.89
C ALA B 189 -31.69 1.02 -0.25
N ARG B 190 -31.34 1.00 1.05
CA ARG B 190 -30.84 2.19 1.76
C ARG B 190 -29.58 2.75 1.09
N LEU B 191 -28.64 1.84 0.81
CA LEU B 191 -27.36 2.22 0.24
C LEU B 191 -27.55 2.75 -1.20
N HIS B 192 -28.34 2.03 -2.01
CA HIS B 192 -28.63 2.45 -3.41
C HIS B 192 -29.19 3.89 -3.45
N ALA B 193 -30.10 4.22 -2.54
CA ALA B 193 -30.63 5.59 -2.51
C ALA B 193 -29.51 6.59 -2.26
N HIS B 194 -28.61 6.28 -1.34
CA HIS B 194 -27.50 7.21 -1.03
C HIS B 194 -26.57 7.31 -2.24
N TYR B 195 -26.28 6.19 -2.87
CA TYR B 195 -25.39 6.17 -4.02
C TYR B 195 -25.98 6.93 -5.24
N LEU B 196 -27.30 6.82 -5.45
CA LEU B 196 -27.96 7.63 -6.47
C LEU B 196 -27.70 9.13 -6.22
N GLN B 197 -27.85 9.58 -4.96
CA GLN B 197 -27.61 10.96 -4.58
C GLN B 197 -26.15 11.36 -4.82
N LEU B 198 -25.23 10.61 -4.22
CA LEU B 198 -23.77 10.82 -4.46
C LEU B 198 -23.44 10.88 -5.94
N ALA B 199 -23.93 9.93 -6.72
CA ALA B 199 -23.66 9.92 -8.16
C ALA B 199 -24.23 11.13 -8.91
N SER B 200 -25.42 11.58 -8.50
CA SER B 200 -26.05 12.71 -9.20
C SER B 200 -25.25 14.00 -9.02
N GLN B 201 -24.53 14.11 -7.91
CA GLN B 201 -23.81 15.34 -7.58
C GLN B 201 -22.25 15.32 -7.66
N PHE B 202 -21.64 14.15 -7.85
CA PHE B 202 -20.17 14.09 -7.66
C PHE B 202 -19.34 14.90 -8.66
N VAL B 203 -19.77 15.01 -9.92
CA VAL B 203 -18.95 15.75 -10.89
C VAL B 203 -18.83 17.26 -10.56
N SER B 204 -19.89 17.87 -10.05
CA SER B 204 -19.93 19.31 -9.80
C SER B 204 -19.79 19.71 -8.33
N GLN B 205 -19.89 18.74 -7.43
CA GLN B 205 -19.82 19.00 -6.00
C GLN B 205 -18.52 19.76 -5.65
N GLU B 206 -18.65 20.98 -5.16
CA GLU B 206 -17.48 21.83 -4.91
C GLU B 206 -16.73 21.43 -3.66
N LYS B 207 -17.49 21.15 -2.60
CA LYS B 207 -16.91 20.77 -1.33
C LYS B 207 -17.10 19.26 -1.11
N PRO B 208 -16.10 18.61 -0.53
CA PRO B 208 -16.22 17.19 -0.16
C PRO B 208 -17.36 16.97 0.84
N GLU B 209 -18.04 15.82 0.75
CA GLU B 209 -19.12 15.46 1.67
C GLU B 209 -18.63 15.28 3.11
N SER C 2 -6.85 -24.46 12.44
CA SER C 2 -7.69 -23.48 13.20
C SER C 2 -7.29 -22.05 12.84
N LEU C 3 -8.15 -21.08 13.09
CA LEU C 3 -7.72 -19.70 12.81
C LEU C 3 -7.16 -19.10 14.07
N ARG C 4 -6.00 -18.49 13.97
CA ARG C 4 -5.44 -17.79 15.14
C ARG C 4 -5.58 -16.27 15.05
N TYR C 5 -5.83 -15.62 16.18
CA TYR C 5 -5.95 -14.17 16.22
C TYR C 5 -4.56 -13.55 16.21
N ILE C 6 -4.35 -12.56 15.34
CA ILE C 6 -3.04 -11.96 15.18
C ILE C 6 -3.06 -10.51 15.63
N VAL C 7 -2.27 -10.17 16.66
CA VAL C 7 -2.03 -8.74 16.99
C VAL C 7 -0.62 -8.41 16.48
N ALA C 8 -0.50 -7.43 15.59
CA ALA C 8 0.80 -7.09 15.04
C ALA C 8 1.32 -5.92 15.88
N LEU C 9 2.60 -5.96 16.22
CA LEU C 9 3.26 -4.90 16.97
C LEU C 9 4.32 -4.25 16.11
N THR C 10 4.33 -2.93 16.06
CA THR C 10 5.38 -2.21 15.35
C THR C 10 5.77 -0.93 16.09
N GLY C 11 6.83 -0.29 15.60
CA GLY C 11 7.34 0.91 16.22
C GLY C 11 8.65 1.21 15.51
N GLY C 12 9.11 2.45 15.59
CA GLY C 12 10.33 2.86 14.93
C GLY C 12 11.54 2.46 15.73
N ILE C 13 12.73 2.72 15.16
CA ILE C 13 13.96 2.34 15.88
C ILE C 13 14.03 3.07 17.23
N GLY C 14 14.48 2.35 18.25
CA GLY C 14 14.52 2.92 19.60
C GLY C 14 13.19 3.11 20.32
N SER C 15 12.08 2.58 19.78
CA SER C 15 10.77 2.77 20.43
C SER C 15 10.57 1.76 21.55
N GLY C 16 11.41 0.74 21.58
CA GLY C 16 11.41 -0.24 22.66
C GLY C 16 10.45 -1.37 22.33
N LYS C 17 10.46 -1.78 21.07
CA LYS C 17 9.60 -2.84 20.58
C LYS C 17 9.81 -4.09 21.42
N SER C 18 11.09 -4.46 21.62
CA SER C 18 11.42 -5.68 22.39
C SER C 18 10.94 -5.66 23.80
N THR C 19 11.04 -4.49 24.44
CA THR C 19 10.54 -4.30 25.79
C THR C 19 9.03 -4.66 25.92
N VAL C 20 8.25 -4.16 24.97
CA VAL C 20 6.79 -4.34 25.05
C VAL C 20 6.50 -5.82 24.71
N ALA C 21 7.20 -6.37 23.71
CA ALA C 21 6.95 -7.75 23.27
C ALA C 21 7.33 -8.73 24.39
N ASN C 22 8.43 -8.43 25.08
CA ASN C 22 8.80 -9.20 26.28
C ASN C 22 7.79 -9.16 27.39
N ALA C 23 7.12 -8.01 27.57
CA ALA C 23 6.00 -7.92 28.56
C ALA C 23 4.85 -8.86 28.23
N PHE C 24 4.49 -8.94 26.95
CA PHE C 24 3.46 -9.91 26.52
C PHE C 24 3.96 -11.34 26.62
N ALA C 25 5.23 -11.58 26.23
CA ALA C 25 5.82 -12.93 26.34
C ALA C 25 5.72 -13.46 27.79
N ASP C 26 5.97 -12.58 28.75
CA ASP C 26 5.86 -12.93 30.18
C ASP C 26 4.44 -13.30 30.64
N LEU C 27 3.44 -12.88 29.88
CA LEU C 27 2.06 -13.27 30.14
C LEU C 27 1.68 -14.55 29.39
N GLY C 28 2.63 -15.18 28.69
CA GLY C 28 2.37 -16.49 28.06
C GLY C 28 1.96 -16.38 26.58
N ILE C 29 2.14 -15.18 26.01
CA ILE C 29 1.77 -14.96 24.62
C ILE C 29 2.94 -15.36 23.75
N ASN C 30 2.65 -16.18 22.71
CA ASN C 30 3.61 -16.54 21.66
C ASN C 30 3.97 -15.30 20.82
N VAL C 31 5.22 -14.85 20.92
CA VAL C 31 5.72 -13.72 20.13
C VAL C 31 6.38 -14.26 18.87
N ILE C 32 5.98 -13.70 17.72
CA ILE C 32 6.54 -14.16 16.45
C ILE C 32 7.32 -12.96 15.89
N ASP C 33 8.62 -13.10 15.82
CA ASP C 33 9.47 -11.95 15.63
C ASP C 33 10.06 -11.95 14.23
N ALA C 34 9.61 -11.00 13.40
CA ALA C 34 10.02 -10.96 12.00
C ALA C 34 11.55 -10.89 11.85
N ASP C 35 12.24 -10.14 12.71
CA ASP C 35 13.69 -10.01 12.56
C ASP C 35 14.42 -11.27 13.01
N ILE C 36 13.93 -11.88 14.08
CA ILE C 36 14.44 -13.18 14.51
C ILE C 36 14.28 -14.19 13.37
N ILE C 37 13.09 -14.27 12.80
CA ILE C 37 12.84 -15.19 11.69
C ILE C 37 13.81 -14.95 10.51
N ALA C 38 13.96 -13.69 10.13
CA ALA C 38 14.80 -13.33 8.99
C ALA C 38 16.25 -13.73 9.22
N ARG C 39 16.76 -13.49 10.43
CA ARG C 39 18.12 -13.88 10.82
C ARG C 39 18.33 -15.39 10.80
N GLN C 40 17.29 -16.13 11.20
CA GLN C 40 17.35 -17.61 11.25
C GLN C 40 17.33 -18.18 9.82
N VAL C 41 16.54 -17.60 8.92
CA VAL C 41 16.52 -18.00 7.51
C VAL C 41 17.91 -17.94 6.82
N VAL C 42 18.77 -17.03 7.25
CA VAL C 42 20.11 -16.90 6.66
C VAL C 42 21.27 -17.27 7.62
N GLU C 43 20.98 -18.02 8.68
CA GLU C 43 22.01 -18.36 9.65
C GLU C 43 23.04 -19.33 9.04
N PRO C 44 24.23 -19.42 9.64
CA PRO C 44 25.29 -20.29 9.11
C PRO C 44 24.79 -21.71 8.89
N GLY C 45 25.19 -22.33 7.78
CA GLY C 45 24.70 -23.64 7.37
C GLY C 45 23.25 -23.63 6.88
N ALA C 46 22.67 -22.44 6.72
CA ALA C 46 21.29 -22.38 6.22
C ALA C 46 21.31 -22.51 4.72
N PRO C 47 20.34 -23.23 4.17
CA PRO C 47 20.25 -23.46 2.72
C PRO C 47 20.20 -22.16 1.90
N ALA C 48 19.37 -21.23 2.32
CA ALA C 48 19.27 -19.94 1.63
C ALA C 48 20.61 -19.20 1.66
N LEU C 49 21.40 -19.37 2.73
CA LEU C 49 22.70 -18.72 2.81
C LEU C 49 23.65 -19.31 1.76
N HIS C 50 23.52 -20.61 1.52
CA HIS C 50 24.24 -21.28 0.43
C HIS C 50 23.86 -20.72 -0.93
N ALA C 51 22.56 -20.59 -1.16
CA ALA C 51 22.06 -20.01 -2.40
C ALA C 51 22.56 -18.58 -2.59
N ILE C 52 22.59 -17.80 -1.51
CA ILE C 52 23.12 -16.45 -1.59
C ILE C 52 24.59 -16.48 -2.07
N ALA C 53 25.41 -17.26 -1.36
CA ALA C 53 26.83 -17.42 -1.68
C ALA C 53 27.07 -17.85 -3.13
N ASP C 54 26.30 -18.83 -3.59
CA ASP C 54 26.35 -19.34 -4.96
C ASP C 54 26.01 -18.31 -6.04
N HIS C 55 24.96 -17.54 -5.80
CA HIS C 55 24.47 -16.58 -6.80
C HIS C 55 25.32 -15.33 -6.80
N PHE C 56 25.68 -14.83 -5.62
CA PHE C 56 26.38 -13.56 -5.50
C PHE C 56 27.90 -13.71 -5.39
N GLY C 57 28.36 -14.68 -4.62
CA GLY C 57 29.80 -14.91 -4.46
C GLY C 57 30.24 -15.25 -3.05
N ALA C 58 31.48 -15.76 -2.93
CA ALA C 58 32.09 -16.09 -1.64
C ALA C 58 32.20 -14.88 -0.70
N ASN C 59 32.29 -13.68 -1.28
CA ASN C 59 32.26 -12.44 -0.51
C ASN C 59 31.02 -12.26 0.41
N MET C 60 29.98 -13.05 0.17
CA MET C 60 28.72 -12.95 0.94
C MET C 60 28.78 -13.56 2.34
N ILE C 61 29.72 -14.48 2.53
CA ILE C 61 29.86 -15.15 3.83
C ILE C 61 31.09 -14.66 4.58
N ALA C 62 30.88 -14.24 5.83
CA ALA C 62 31.93 -13.75 6.71
C ALA C 62 32.87 -14.87 7.17
N ALA C 63 33.88 -14.48 7.94
CA ALA C 63 34.84 -15.43 8.52
C ALA C 63 34.09 -16.43 9.40
N ASP C 64 33.26 -15.90 10.31
CA ASP C 64 32.50 -16.68 11.26
C ASP C 64 31.33 -17.45 10.64
N GLY C 65 31.14 -17.27 9.33
CA GLY C 65 30.14 -18.04 8.59
C GLY C 65 28.78 -17.37 8.43
N THR C 66 28.64 -16.15 8.97
CA THR C 66 27.38 -15.42 8.90
C THR C 66 27.30 -14.59 7.62
N LEU C 67 26.09 -14.20 7.23
CA LEU C 67 25.88 -13.40 6.02
C LEU C 67 26.51 -12.02 6.15
N GLN C 68 27.25 -11.61 5.13
CA GLN C 68 27.79 -10.25 5.10
C GLN C 68 26.75 -9.30 4.49
N ARG C 69 25.88 -8.79 5.36
CA ARG C 69 24.70 -8.03 4.96
C ARG C 69 24.99 -6.76 4.16
N ARG C 70 26.02 -6.02 4.57
CA ARG C 70 26.39 -4.81 3.84
C ARG C 70 26.88 -5.11 2.41
N ALA C 71 27.60 -6.23 2.23
CA ALA C 71 28.13 -6.61 0.92
C ALA C 71 27.02 -7.04 -0.02
N LEU C 72 26.04 -7.72 0.54
CA LEU C 72 24.86 -8.16 -0.22
C LEU C 72 24.04 -6.93 -0.60
N ARG C 73 23.90 -5.98 0.32
CA ARG C 73 23.22 -4.71 0.06
C ARG C 73 23.82 -3.99 -1.16
N GLU C 74 25.15 -3.85 -1.16
CA GLU C 74 25.87 -3.24 -2.28
C GLU C 74 25.61 -3.94 -3.58
N ARG C 75 25.46 -5.26 -3.51
CA ARG C 75 25.24 -6.09 -4.69
C ARG C 75 23.92 -5.85 -5.34
N ILE C 76 22.88 -5.56 -4.56
CA ILE C 76 21.59 -5.35 -5.19
C ILE C 76 21.29 -3.88 -5.46
N PHE C 77 22.21 -2.99 -5.08
CA PHE C 77 21.98 -1.53 -5.17
C PHE C 77 21.76 -1.18 -6.65
N ALA C 78 20.68 -0.41 -6.91
CA ALA C 78 20.32 0.08 -8.25
C ALA C 78 20.21 -1.11 -9.22
N ASN C 79 19.78 -2.24 -8.69
CA ASN C 79 19.61 -3.42 -9.51
C ASN C 79 18.33 -4.19 -9.18
N PRO C 80 17.22 -3.81 -9.80
CA PRO C 80 15.92 -4.41 -9.50
C PRO C 80 15.88 -5.94 -9.75
N GLU C 81 16.58 -6.41 -10.78
CA GLU C 81 16.60 -7.85 -11.11
C GLU C 81 17.26 -8.67 -9.99
N GLU C 82 18.35 -8.15 -9.43
CA GLU C 82 19.08 -8.84 -8.35
C GLU C 82 18.31 -8.72 -7.02
N LYS C 83 17.66 -7.58 -6.80
CA LYS C 83 16.78 -7.37 -5.66
C LYS C 83 15.60 -8.32 -5.75
N ASN C 84 15.00 -8.40 -6.94
CA ASN C 84 13.92 -9.35 -7.20
C ASN C 84 14.32 -10.80 -6.95
N TRP C 85 15.52 -11.17 -7.38
CA TRP C 85 16.05 -12.53 -7.19
C TRP C 85 16.16 -12.86 -5.70
N LEU C 86 16.73 -11.94 -4.92
CA LEU C 86 16.93 -12.13 -3.48
C LEU C 86 15.60 -12.30 -2.75
N ASN C 87 14.63 -11.43 -3.08
CA ASN C 87 13.31 -11.47 -2.46
C ASN C 87 12.58 -12.75 -2.82
N ALA C 88 12.76 -13.22 -4.04
CA ALA C 88 12.06 -14.43 -4.49
C ALA C 88 12.57 -15.61 -3.72
N LEU C 89 13.84 -15.53 -3.28
CA LEU C 89 14.42 -16.58 -2.43
C LEU C 89 13.97 -16.45 -0.96
N LEU C 90 14.18 -15.28 -0.39
CA LEU C 90 13.92 -15.07 1.05
C LEU C 90 12.45 -14.91 1.48
N HIS C 91 11.66 -14.20 0.70
CA HIS C 91 10.28 -13.94 1.11
C HIS C 91 9.43 -15.19 1.40
N PRO C 92 9.44 -16.19 0.51
CA PRO C 92 8.63 -17.38 0.73
C PRO C 92 9.13 -18.19 1.94
N LEU C 93 10.44 -18.26 2.14
CA LEU C 93 10.99 -18.89 3.35
C LEU C 93 10.54 -18.16 4.61
N ILE C 94 10.60 -16.83 4.60
CA ILE C 94 10.12 -16.02 5.74
C ILE C 94 8.62 -16.16 5.96
N GLN C 95 7.86 -16.11 4.88
CA GLN C 95 6.40 -16.29 4.98
C GLN C 95 6.03 -17.64 5.61
N GLN C 96 6.68 -18.69 5.08
CA GLN C 96 6.46 -20.05 5.52
C GLN C 96 6.76 -20.20 7.01
N GLU C 97 7.91 -19.69 7.45
CA GLU C 97 8.30 -19.87 8.84
C GLU C 97 7.35 -19.10 9.75
N THR C 98 6.98 -17.90 9.30
CA THR C 98 6.02 -17.08 9.98
C THR C 98 4.67 -17.80 10.17
N GLN C 99 4.05 -18.23 9.07
CA GLN C 99 2.83 -19.02 9.13
C GLN C 99 2.99 -20.27 9.97
N HIS C 100 4.14 -20.93 9.86
CA HIS C 100 4.41 -22.09 10.70
C HIS C 100 4.30 -21.78 12.20
N GLN C 101 4.91 -20.67 12.62
CA GLN C 101 4.94 -20.32 14.03
C GLN C 101 3.55 -19.92 14.49
N ILE C 102 2.76 -19.34 13.57
CA ILE C 102 1.40 -18.93 13.92
C ILE C 102 0.58 -20.19 14.20
N GLN C 103 0.80 -21.19 13.36
CA GLN C 103 0.07 -22.45 13.42
C GLN C 103 0.46 -23.27 14.64
N GLN C 104 1.71 -23.11 15.08
CA GLN C 104 2.19 -23.91 16.19
C GLN C 104 2.00 -23.25 17.55
N ALA C 105 1.51 -22.00 17.53
CA ALA C 105 1.29 -21.22 18.75
C ALA C 105 0.22 -21.84 19.65
N THR C 106 0.46 -21.85 20.96
CA THR C 106 -0.55 -22.36 21.89
C THR C 106 -1.28 -21.25 22.63
N SER C 107 -0.75 -20.03 22.62
CA SER C 107 -1.43 -18.92 23.28
C SER C 107 -2.73 -18.51 22.53
N PRO C 108 -3.68 -17.91 23.25
CA PRO C 108 -4.98 -17.55 22.68
C PRO C 108 -4.90 -16.56 21.51
N TYR C 109 -3.90 -15.67 21.52
CA TYR C 109 -3.57 -14.90 20.34
C TYR C 109 -2.03 -14.88 20.23
N VAL C 110 -1.51 -14.44 19.09
CA VAL C 110 -0.09 -14.29 18.88
C VAL C 110 0.22 -12.79 18.73
N LEU C 111 1.41 -12.40 19.18
CA LEU C 111 1.92 -11.06 18.97
C LEU C 111 2.99 -11.12 17.88
N TRP C 112 2.68 -10.57 16.70
CA TRP C 112 3.62 -10.60 15.58
C TRP C 112 4.40 -9.26 15.50
N VAL C 113 5.71 -9.31 15.71
CA VAL C 113 6.47 -8.07 15.85
C VAL C 113 7.11 -7.79 14.50
N VAL C 114 6.69 -6.74 13.84
CA VAL C 114 7.06 -6.45 12.44
C VAL C 114 7.52 -5.01 12.37
N PRO C 115 8.84 -4.77 12.49
CA PRO C 115 9.36 -3.42 12.29
C PRO C 115 8.87 -2.71 10.99
N LEU C 116 8.65 -3.46 9.93
CA LEU C 116 8.30 -2.87 8.61
C LEU C 116 6.79 -2.98 8.33
N LEU C 117 5.99 -3.06 9.39
CA LEU C 117 4.53 -3.21 9.26
C LEU C 117 3.93 -2.16 8.35
N VAL C 118 4.27 -0.90 8.59
CA VAL C 118 3.72 0.18 7.75
C VAL C 118 4.28 0.11 6.35
N GLU C 119 5.61 -0.02 6.24
CA GLU C 119 6.31 0.07 4.97
C GLU C 119 5.93 -1.04 4.00
N ASN C 120 5.74 -2.25 4.52
CA ASN C 120 5.30 -3.36 3.70
C ASN C 120 3.79 -3.63 3.69
N SER C 121 3.00 -2.74 4.32
CA SER C 121 1.54 -2.88 4.35
C SER C 121 1.08 -4.17 5.02
N LEU C 122 1.87 -4.66 5.95
CA LEU C 122 1.60 -5.94 6.56
C LEU C 122 0.47 -5.86 7.60
N TYR C 123 0.01 -4.65 7.95
CA TYR C 123 -1.21 -4.45 8.77
C TYR C 123 -2.42 -5.12 8.13
N LYS C 124 -2.40 -5.25 6.81
CA LYS C 124 -3.46 -5.97 6.11
C LYS C 124 -3.65 -7.43 6.55
N LYS C 125 -2.61 -8.01 7.16
CA LYS C 125 -2.62 -9.42 7.54
C LYS C 125 -2.84 -9.60 9.06
N ALA C 126 -3.01 -8.48 9.78
CA ALA C 126 -3.24 -8.49 11.23
C ALA C 126 -4.70 -8.28 11.55
N ASN C 127 -5.17 -8.89 12.64
CA ASN C 127 -6.48 -8.57 13.15
C ASN C 127 -6.52 -7.30 13.98
N ARG C 128 -5.38 -6.93 14.54
CA ARG C 128 -5.34 -5.77 15.43
C ARG C 128 -3.93 -5.25 15.32
N VAL C 129 -3.77 -3.93 15.37
CA VAL C 129 -2.44 -3.34 15.26
C VAL C 129 -2.13 -2.51 16.51
N LEU C 130 -1.01 -2.86 17.16
CA LEU C 130 -0.50 -2.13 18.33
C LEU C 130 0.77 -1.39 17.97
N VAL C 131 0.81 -0.08 18.23
CA VAL C 131 2.02 0.70 17.95
C VAL C 131 2.67 1.15 19.25
N VAL C 132 3.95 0.86 19.40
CA VAL C 132 4.70 1.37 20.54
C VAL C 132 5.20 2.73 20.11
N ASP C 133 4.78 3.77 20.81
CA ASP C 133 5.04 5.11 20.35
C ASP C 133 5.98 5.82 21.32
N VAL C 134 6.86 6.67 20.75
CA VAL C 134 7.77 7.51 21.51
C VAL C 134 8.06 8.78 20.68
N SER C 135 8.66 9.79 21.31
CA SER C 135 9.10 10.98 20.57
C SER C 135 10.30 10.60 19.69
N PRO C 136 10.48 11.26 18.54
CA PRO C 136 11.71 11.10 17.77
C PRO C 136 12.95 11.37 18.66
N GLU C 137 12.84 12.28 19.61
CA GLU C 137 13.91 12.59 20.59
C GLU C 137 14.27 11.30 21.34
N THR C 138 13.27 10.66 21.93
CA THR C 138 13.50 9.34 22.56
C THR C 138 14.15 8.31 21.66
N GLN C 139 13.67 8.20 20.41
CA GLN C 139 14.29 7.30 19.42
C GLN C 139 15.79 7.58 19.21
N LEU C 140 16.12 8.86 19.04
CA LEU C 140 17.52 9.30 18.92
C LEU C 140 18.34 8.93 20.16
N LYS C 141 17.88 9.37 21.33
CA LYS C 141 18.65 9.18 22.58
C LYS C 141 18.97 7.70 22.84
N ARG C 142 17.91 6.87 22.85
CA ARG C 142 18.02 5.42 23.10
C ARG C 142 18.89 4.70 22.11
N THR C 143 18.76 5.06 20.84
CA THR C 143 19.59 4.47 19.82
C THR C 143 21.06 4.90 19.94
N MET C 144 21.31 6.20 20.04
CA MET C 144 22.64 6.72 20.33
C MET C 144 23.33 5.98 21.49
N GLN C 145 22.54 5.63 22.50
CA GLN C 145 23.04 5.02 23.73
C GLN C 145 23.16 3.51 23.62
N ARG C 146 22.14 2.86 23.08
CA ARG C 146 22.10 1.41 22.95
C ARG C 146 23.13 0.85 21.98
N ASP C 147 23.28 1.51 20.84
CA ASP C 147 24.17 1.02 19.78
C ASP C 147 25.41 1.89 19.62
N ASP C 148 25.71 2.72 20.63
CA ASP C 148 26.78 3.72 20.57
C ASP C 148 27.00 4.27 19.17
N VAL C 149 26.16 5.23 18.78
CA VAL C 149 26.20 5.84 17.45
C VAL C 149 25.89 7.33 17.56
N THR C 150 26.15 8.07 16.48
CA THR C 150 25.89 9.52 16.47
C THR C 150 24.41 9.87 16.30
N ARG C 151 24.06 11.10 16.67
CA ARG C 151 22.72 11.63 16.51
C ARG C 151 22.35 11.75 15.04
N GLU C 152 23.26 12.30 14.25
CA GLU C 152 23.09 12.41 12.80
C GLU C 152 22.95 11.05 12.14
N HIS C 153 23.63 10.06 12.67
CA HIS C 153 23.50 8.67 12.20
C HIS C 153 22.08 8.12 12.40
N VAL C 154 21.49 8.39 13.56
CA VAL C 154 20.16 7.87 13.84
C VAL C 154 19.13 8.69 13.07
N GLU C 155 19.38 9.99 12.98
CA GLU C 155 18.52 10.91 12.24
C GLU C 155 18.36 10.43 10.80
N GLN C 156 19.40 9.84 10.26
CA GLN C 156 19.36 9.30 8.90
C GLN C 156 18.51 8.05 8.87
N ILE C 157 18.64 7.19 9.89
CA ILE C 157 17.76 6.02 10.00
C ILE C 157 16.27 6.47 10.15
N LEU C 158 16.03 7.44 11.03
CA LEU C 158 14.67 7.97 11.21
C LEU C 158 14.05 8.47 9.90
N ALA C 159 14.85 9.21 9.13
CA ALA C 159 14.43 9.67 7.81
C ALA C 159 14.13 8.56 6.82
N ALA C 160 14.70 7.36 7.00
CA ALA C 160 14.39 6.25 6.13
C ALA C 160 13.18 5.40 6.52
N GLN C 161 12.78 5.42 7.78
CA GLN C 161 11.65 4.57 8.18
C GLN C 161 10.36 5.39 7.98
N ALA C 162 9.20 4.72 8.00
CA ALA C 162 7.92 5.39 8.03
C ALA C 162 7.88 6.39 9.20
N THR C 163 7.12 7.47 9.04
CA THR C 163 7.01 8.47 10.10
C THR C 163 6.19 7.98 11.27
N ARG C 164 6.32 8.68 12.40
CA ARG C 164 5.52 8.44 13.62
C ARG C 164 4.01 8.54 13.29
N GLU C 165 3.67 9.51 12.45
CA GLU C 165 2.29 9.74 12.09
C GLU C 165 1.71 8.62 11.19
N ALA C 166 2.53 8.12 10.27
CA ALA C 166 2.15 6.98 9.43
C ALA C 166 1.87 5.73 10.28
N ARG C 167 2.61 5.54 11.36
CA ARG C 167 2.33 4.37 12.22
C ARG C 167 1.02 4.58 12.97
N LEU C 168 0.86 5.75 13.54
CA LEU C 168 -0.36 6.07 14.30
C LEU C 168 -1.61 5.99 13.42
N ALA C 169 -1.46 6.29 12.14
CA ALA C 169 -2.59 6.22 11.23
C ALA C 169 -3.13 4.80 11.07
N VAL C 170 -2.30 3.79 11.27
CA VAL C 170 -2.75 2.40 11.14
C VAL C 170 -3.00 1.67 12.46
N ALA C 171 -2.82 2.38 13.58
CA ALA C 171 -2.87 1.75 14.89
C ALA C 171 -4.32 1.58 15.36
N ASP C 172 -4.61 0.44 15.96
CA ASP C 172 -5.85 0.27 16.75
C ASP C 172 -5.57 0.68 18.19
N ASP C 173 -4.39 0.29 18.69
CA ASP C 173 -3.95 0.67 20.02
C ASP C 173 -2.58 1.31 20.03
N VAL C 174 -2.34 2.16 21.02
CA VAL C 174 -1.08 2.85 21.10
C VAL C 174 -0.57 2.75 22.54
N ILE C 175 0.66 2.28 22.70
CA ILE C 175 1.29 2.29 24.02
C ILE C 175 2.47 3.26 24.07
N ASP C 176 2.43 4.21 24.98
CA ASP C 176 3.54 5.17 25.12
C ASP C 176 4.75 4.46 25.77
N ASN C 177 5.92 4.52 25.15
CA ASN C 177 7.12 3.95 25.79
C ASN C 177 8.26 4.98 26.01
N ASN C 178 7.89 6.18 26.46
CA ASN C 178 8.90 7.23 26.58
C ASN C 178 9.78 7.04 27.86
N GLY C 179 9.18 6.45 28.91
CA GLY C 179 9.90 6.23 30.16
C GLY C 179 10.61 4.90 30.39
N ALA C 180 10.65 4.48 31.66
CA ALA C 180 11.30 3.24 32.01
C ALA C 180 10.39 2.06 31.66
N PRO C 181 11.00 0.91 31.40
CA PRO C 181 10.28 -0.33 31.13
C PRO C 181 9.06 -0.66 32.03
N ASP C 182 9.10 -0.46 33.34
CA ASP C 182 7.89 -0.78 34.13
C ASP C 182 6.71 0.15 33.89
N ALA C 183 6.94 1.35 33.36
CA ALA C 183 5.84 2.28 33.08
C ALA C 183 4.77 1.78 32.08
N ILE C 184 5.11 0.74 31.33
CA ILE C 184 4.15 0.22 30.34
C ILE C 184 3.18 -0.80 30.94
N ALA C 185 3.44 -1.21 32.18
CA ALA C 185 2.74 -2.37 32.74
C ALA C 185 1.22 -2.21 32.81
N SER C 186 0.77 -1.02 33.15
CA SER C 186 -0.67 -0.77 33.22
C SER C 186 -1.37 -0.97 31.87
N ASP C 187 -0.83 -0.34 30.82
CA ASP C 187 -1.35 -0.56 29.46
C ASP C 187 -1.23 -2.01 29.04
N VAL C 188 -0.09 -2.63 29.31
CA VAL C 188 0.08 -4.02 28.86
C VAL C 188 -1.00 -4.94 29.48
N ALA C 189 -1.24 -4.76 30.78
CA ALA C 189 -2.25 -5.58 31.43
C ALA C 189 -3.62 -5.38 30.78
N ARG C 190 -4.01 -4.12 30.53
CA ARG C 190 -5.31 -3.84 29.95
C ARG C 190 -5.47 -4.38 28.54
N LEU C 191 -4.44 -4.18 27.73
CA LEU C 191 -4.40 -4.64 26.32
C LEU C 191 -4.43 -6.16 26.26
N HIS C 192 -3.67 -6.83 27.13
CA HIS C 192 -3.67 -8.30 27.14
C HIS C 192 -5.09 -8.82 27.43
N ALA C 193 -5.75 -8.25 28.45
CA ALA C 193 -7.09 -8.70 28.84
C ALA C 193 -8.07 -8.47 27.69
N HIS C 194 -7.95 -7.32 27.03
CA HIS C 194 -8.73 -7.02 25.83
C HIS C 194 -8.45 -7.99 24.69
N TYR C 195 -7.19 -8.24 24.41
CA TYR C 195 -6.86 -9.17 23.31
C TYR C 195 -7.35 -10.56 23.55
N LEU C 196 -7.25 -11.03 24.79
CA LEU C 196 -7.73 -12.38 25.10
C LEU C 196 -9.23 -12.43 24.84
N GLN C 197 -9.97 -11.39 25.23
CA GLN C 197 -11.41 -11.32 24.94
C GLN C 197 -11.68 -11.33 23.43
N LEU C 198 -10.96 -10.49 22.69
CA LEU C 198 -11.12 -10.46 21.23
C LEU C 198 -10.85 -11.84 20.59
N ALA C 199 -9.76 -12.47 21.02
CA ALA C 199 -9.41 -13.75 20.46
C ALA C 199 -10.48 -14.82 20.79
N SER C 200 -11.08 -14.75 21.97
CA SER C 200 -12.06 -15.77 22.35
C SER C 200 -13.37 -15.65 21.57
N GLN C 201 -13.70 -14.44 21.13
CA GLN C 201 -14.95 -14.21 20.40
C GLN C 201 -14.85 -14.03 18.88
N PHE C 202 -13.63 -13.88 18.35
CA PHE C 202 -13.50 -13.41 16.97
C PHE C 202 -14.05 -14.30 15.87
N VAL C 203 -13.93 -15.61 16.03
CA VAL C 203 -14.38 -16.52 14.97
C VAL C 203 -15.91 -16.45 14.74
N SER C 204 -16.68 -16.28 15.80
CA SER C 204 -18.14 -16.31 15.69
C SER C 204 -18.80 -14.94 15.81
N GLN C 205 -18.00 -13.91 16.11
CA GLN C 205 -18.49 -12.55 16.32
C GLN C 205 -19.33 -12.06 15.13
N GLU C 206 -20.60 -11.78 15.38
CA GLU C 206 -21.53 -11.47 14.29
C GLU C 206 -21.32 -10.06 13.80
N LYS C 207 -21.30 -9.13 14.75
CA LYS C 207 -21.13 -7.72 14.46
C LYS C 207 -19.75 -7.29 14.91
N PRO C 208 -19.03 -6.59 14.03
CA PRO C 208 -17.66 -6.14 14.29
C PRO C 208 -17.60 -5.05 15.37
N GLU C 209 -16.40 -4.81 15.91
CA GLU C 209 -16.16 -3.79 16.94
C GLU C 209 -17.36 -3.53 17.86
S SO4 D . -2.07 20.55 -11.72
O1 SO4 D . -3.11 21.57 -12.03
O2 SO4 D . -2.35 19.29 -12.40
O3 SO4 D . -0.79 21.05 -12.18
O4 SO4 D . -2.09 20.34 -10.28
S SO4 E . 13.71 15.95 -25.54
O1 SO4 E . 14.26 15.38 -26.78
O2 SO4 E . 13.29 14.90 -24.62
O3 SO4 E . 14.75 16.77 -24.90
O4 SO4 E . 12.57 16.82 -25.83
S SO4 F . -18.28 -15.29 -1.96
O1 SO4 F . -18.78 -15.52 -3.32
O2 SO4 F . -19.20 -15.74 -0.93
O3 SO4 F . -17.01 -16.00 -1.85
O4 SO4 F . -18.12 -13.85 -1.72
S SO4 G . -1.65 0.96 1.29
O1 SO4 G . -2.72 1.65 0.55
O2 SO4 G . -2.30 0.16 2.33
O3 SO4 G . -0.89 0.06 0.41
O4 SO4 G . -0.78 1.97 1.87
S SO4 H . 13.69 -1.01 19.33
O1 SO4 H . 13.91 -0.17 20.51
O2 SO4 H . 14.05 -2.38 19.69
O3 SO4 H . 12.29 -0.91 18.94
O4 SO4 H . 14.56 -0.50 18.28
#